data_7W1A
#
_entry.id   7W1A
#
_cell.length_a   81.014
_cell.length_b   45.852
_cell.length_c   89.677
_cell.angle_alpha   90.000
_cell.angle_beta   105.710
_cell.angle_gamma   90.000
#
_symmetry.space_group_name_H-M   'P 1 21 1'
#
loop_
_entity.id
_entity.type
_entity.pdbx_description
1 polymer "Macrolide 2'-phosphotransferase"
2 non-polymer GUANOSINE
3 non-polymer AZITHROMYCIN
4 water water
#
_entity_poly.entity_id   1
_entity_poly.type   'polypeptide(L)'
_entity_poly.pdbx_seq_one_letter_code
;MTIQDIQSLAEAHGLLLTDKMNFNEMGIDFKVVFALDTKGQQWLLRIPRRDGMREQIKKEKRILELVKKHLSVEVPDWRI
SSTELVAYPILKDNPVLNLDAETYEIIWNMDKDSPKYITSLAKTLFEIHSIPEKEVRENDLKIMKPSDLRPEIANNLQLV
KSEIGISEQLETRYRKWLDNDVLWADFTQFIHGDLYAGHVLASKDGAVSGVIDWSTAHIDDPAIDFAGHVTLFGEESLKT
LIIEYEKLGGKVWNKLYEQTLERAAASPLMYGLFALETQNESLIVGAKAQLGVILEHHHHHH
;
_entity_poly.pdbx_strand_id   B,A
#
# COMPACT_ATOMS: atom_id res chain seq x y z
N MET A 1 1.97 -22.80 28.00
CA MET A 1 1.99 -21.63 28.93
C MET A 1 0.60 -21.12 29.23
N THR A 2 0.35 -20.77 30.50
CA THR A 2 -0.94 -20.29 30.92
C THR A 2 -1.14 -18.80 30.63
N ILE A 3 -2.40 -18.38 30.57
CA ILE A 3 -2.74 -16.99 30.30
C ILE A 3 -2.08 -16.09 31.34
N GLN A 4 -2.14 -16.50 32.60
CA GLN A 4 -1.65 -15.64 33.64
C GLN A 4 -0.14 -15.48 33.54
N ASP A 5 0.55 -16.57 33.19
CA ASP A 5 1.99 -16.49 32.94
C ASP A 5 2.29 -15.50 31.81
N ILE A 6 1.54 -15.61 30.70
CA ILE A 6 1.72 -14.67 29.60
C ILE A 6 1.47 -13.26 30.05
N GLN A 7 0.37 -13.01 30.76
CA GLN A 7 0.10 -11.68 31.30
C GLN A 7 1.27 -11.17 32.11
N SER A 8 1.85 -12.00 32.96
CA SER A 8 2.97 -11.56 33.78
C SER A 8 4.20 -11.26 32.92
N LEU A 9 4.46 -12.11 31.94
CA LEU A 9 5.61 -11.86 31.09
C LEU A 9 5.45 -10.54 30.33
N ALA A 10 4.24 -10.23 29.83
CA ALA A 10 4.02 -8.98 29.13
C ALA A 10 4.12 -7.85 30.10
N GLU A 11 3.60 -8.01 31.30
CA GLU A 11 3.68 -6.93 32.27
C GLU A 11 5.14 -6.66 32.68
N ALA A 12 5.96 -7.69 32.71
CA ALA A 12 7.38 -7.42 32.94
C ALA A 12 7.97 -6.56 31.81
N HIS A 13 7.30 -6.43 30.65
CA HIS A 13 7.77 -5.58 29.54
C HIS A 13 6.86 -4.35 29.34
N GLY A 14 6.17 -3.92 30.41
CA GLY A 14 5.28 -2.77 30.40
C GLY A 14 4.07 -2.90 29.49
N LEU A 15 3.74 -4.11 29.07
CA LEU A 15 2.57 -4.36 28.24
C LEU A 15 1.47 -4.98 29.11
N LEU A 16 0.32 -4.30 29.20
CA LEU A 16 -0.73 -4.71 30.15
C LEU A 16 -1.80 -5.43 29.38
N LEU A 17 -1.93 -6.75 29.57
CA LEU A 17 -2.84 -7.54 28.74
C LEU A 17 -4.08 -8.04 29.51
N THR A 18 -5.21 -8.10 28.79
CA THR A 18 -6.39 -8.81 29.29
C THR A 18 -6.13 -10.31 29.28
N ASP A 19 -7.11 -11.10 29.79
CA ASP A 19 -6.96 -12.55 29.76
C ASP A 19 -7.58 -13.17 28.54
N LYS A 20 -7.91 -12.35 27.55
CA LYS A 20 -8.47 -12.85 26.30
C LYS A 20 -7.35 -13.11 25.31
N MET A 21 -7.07 -14.36 25.02
CA MET A 21 -6.03 -14.66 24.06
C MET A 21 -6.36 -15.95 23.32
N ASN A 22 -5.69 -16.13 22.19
CA ASN A 22 -5.65 -17.38 21.47
C ASN A 22 -4.19 -17.66 21.12
N PHE A 23 -3.95 -18.88 20.69
CA PHE A 23 -2.61 -19.39 20.62
C PHE A 23 -2.35 -19.98 19.25
N ASN A 24 -1.06 -20.02 18.90
CA ASN A 24 -0.62 -20.63 17.65
C ASN A 24 0.74 -21.23 17.94
N GLU A 25 0.85 -22.54 17.69
CA GLU A 25 2.11 -23.25 17.83
C GLU A 25 2.63 -23.74 16.48
N MET A 26 1.90 -23.50 15.37
CA MET A 26 2.36 -23.87 14.02
C MET A 26 3.77 -23.35 13.75
N GLY A 27 4.17 -22.28 14.42
CA GLY A 27 5.56 -21.88 14.41
C GLY A 27 6.48 -22.93 14.98
N ILE A 28 7.78 -22.64 14.93
CA ILE A 28 8.84 -23.64 15.07
C ILE A 28 9.67 -23.38 16.35
N ASP A 29 10.26 -22.17 16.45
CA ASP A 29 11.16 -21.79 17.55
C ASP A 29 10.52 -20.83 18.56
N PHE A 30 9.40 -20.21 18.21
CA PHE A 30 8.66 -19.36 19.14
C PHE A 30 7.23 -19.86 19.35
N LYS A 31 6.73 -19.60 20.56
CA LYS A 31 5.29 -19.70 20.86
C LYS A 31 4.56 -18.43 20.41
N VAL A 32 3.45 -18.55 19.65
CA VAL A 32 2.69 -17.38 19.25
C VAL A 32 1.40 -17.19 20.04
N VAL A 33 1.12 -15.92 20.42
CA VAL A 33 -0.09 -15.56 21.16
C VAL A 33 -0.77 -14.38 20.48
N PHE A 34 -2.07 -14.51 20.24
CA PHE A 34 -2.96 -13.41 19.89
C PHE A 34 -3.52 -12.89 21.20
N ALA A 35 -3.18 -11.66 21.56
CA ALA A 35 -3.55 -11.07 22.84
C ALA A 35 -4.26 -9.76 22.60
N LEU A 36 -4.83 -9.24 23.69
CA LEU A 36 -5.61 -7.99 23.67
C LEU A 36 -5.21 -7.17 24.88
N ASP A 37 -4.83 -5.92 24.69
CA ASP A 37 -4.32 -5.15 25.81
C ASP A 37 -5.47 -4.35 26.46
N THR A 38 -5.19 -3.82 27.64
CA THR A 38 -6.22 -3.15 28.42
C THR A 38 -6.68 -1.87 27.74
N LYS A 39 -6.03 -1.47 26.65
CA LYS A 39 -6.46 -0.31 25.91
C LYS A 39 -7.31 -0.72 24.72
N GLY A 40 -7.55 -2.00 24.55
CA GLY A 40 -8.36 -2.50 23.41
C GLY A 40 -7.60 -2.84 22.13
N GLN A 41 -6.28 -2.90 22.17
CA GLN A 41 -5.45 -3.07 20.98
C GLN A 41 -5.06 -4.53 20.96
N GLN A 42 -5.18 -5.12 19.81
CA GLN A 42 -4.77 -6.49 19.57
C GLN A 42 -3.29 -6.55 19.33
N TRP A 43 -2.63 -7.50 19.94
CA TRP A 43 -1.21 -7.70 19.86
C TRP A 43 -0.90 -9.12 19.40
N LEU A 44 0.24 -9.30 18.73
CA LEU A 44 0.85 -10.57 18.41
C LEU A 44 2.11 -10.71 19.25
N LEU A 45 2.19 -11.81 19.96
CA LEU A 45 3.28 -12.08 20.88
C LEU A 45 4.04 -13.28 20.35
N ARG A 46 5.37 -13.20 20.41
CA ARG A 46 6.24 -14.31 20.04
C ARG A 46 7.15 -14.52 21.23
N ILE A 47 6.95 -15.64 21.89
CA ILE A 47 7.68 -15.99 23.11
C ILE A 47 8.75 -16.96 22.76
N PRO A 48 10.05 -16.65 22.92
CA PRO A 48 11.11 -17.60 22.64
C PRO A 48 10.88 -18.86 23.47
N ARG A 49 10.92 -20.01 22.80
CA ARG A 49 10.84 -21.28 23.53
C ARG A 49 12.10 -21.51 24.37
N ARG A 50 13.24 -20.95 23.96
CA ARG A 50 14.53 -21.25 24.58
C ARG A 50 15.27 -19.99 25.01
N ASP A 51 16.19 -20.16 25.96
CA ASP A 51 17.09 -19.06 26.25
C ASP A 51 18.21 -19.01 25.21
N GLY A 52 18.94 -17.88 25.20
CA GLY A 52 20.05 -17.70 24.29
C GLY A 52 19.71 -17.35 22.85
N MET A 53 18.48 -16.91 22.55
CA MET A 53 18.09 -16.52 21.20
C MET A 53 18.29 -15.01 20.92
N ARG A 54 19.09 -14.33 21.72
CA ARG A 54 19.21 -12.88 21.59
C ARG A 54 19.70 -12.45 20.21
N GLU A 55 20.66 -13.18 19.64
CA GLU A 55 21.21 -12.72 18.37
C GLU A 55 20.21 -12.87 17.21
N GLN A 56 19.46 -13.97 17.18
CA GLN A 56 18.39 -14.10 16.19
C GLN A 56 17.35 -12.99 16.34
N ILE A 57 16.96 -12.68 17.58
CA ILE A 57 15.95 -11.64 17.78
C ILE A 57 16.49 -10.30 17.29
N LYS A 58 17.74 -9.96 17.65
CA LYS A 58 18.32 -8.71 17.17
C LYS A 58 18.41 -8.71 15.65
N LYS A 59 18.82 -9.84 15.06
CA LYS A 59 18.95 -9.90 13.60
C LYS A 59 17.60 -9.56 12.98
N GLU A 60 16.56 -10.33 13.37
CA GLU A 60 15.25 -10.10 12.76
C GLU A 60 14.79 -8.65 13.00
N LYS A 61 15.09 -8.07 14.16
CA LYS A 61 14.72 -6.68 14.36
C LYS A 61 15.37 -5.80 13.30
N ARG A 62 16.66 -6.03 13.06
CA ARG A 62 17.37 -5.32 11.98
C ARG A 62 16.68 -5.51 10.63
N ILE A 63 16.37 -6.76 10.29
CA ILE A 63 15.78 -7.06 8.98
C ILE A 63 14.47 -6.31 8.82
N LEU A 64 13.60 -6.33 9.84
CA LEU A 64 12.33 -5.62 9.77
C LEU A 64 12.56 -4.12 9.54
N GLU A 65 13.47 -3.52 10.32
CA GLU A 65 13.80 -2.11 10.16
C GLU A 65 14.28 -1.82 8.74
N LEU A 66 15.02 -2.78 8.16
CA LEU A 66 15.59 -2.60 6.82
C LEU A 66 14.51 -2.71 5.78
N VAL A 67 13.69 -3.76 5.84
CA VAL A 67 12.76 -3.99 4.74
C VAL A 67 11.58 -3.03 4.83
N LYS A 68 11.34 -2.47 6.02
CA LYS A 68 10.21 -1.55 6.22
C LYS A 68 10.21 -0.40 5.22
N LYS A 69 11.41 0.08 4.85
CA LYS A 69 11.58 1.23 3.96
C LYS A 69 11.18 0.89 2.54
N HIS A 70 11.53 -0.31 2.09
CA HIS A 70 11.50 -0.74 0.70
C HIS A 70 10.19 -1.38 0.27
N LEU A 71 9.23 -1.61 1.18
CA LEU A 71 8.02 -2.31 0.76
C LEU A 71 6.76 -1.48 0.95
N SER A 72 5.75 -1.78 0.13
CA SER A 72 4.39 -1.23 0.16
C SER A 72 3.39 -2.11 0.92
N VAL A 73 3.81 -3.26 1.41
CA VAL A 73 3.02 -4.06 2.33
C VAL A 73 3.45 -3.76 3.77
N GLU A 74 2.54 -4.05 4.69
CA GLU A 74 2.89 -3.97 6.10
C GLU A 74 3.86 -5.07 6.46
N VAL A 75 4.70 -4.79 7.43
CA VAL A 75 5.50 -5.83 8.08
C VAL A 75 5.34 -5.61 9.56
N PRO A 76 5.67 -6.58 10.41
CA PRO A 76 5.46 -6.46 11.83
C PRO A 76 6.23 -5.26 12.35
N ASP A 77 5.64 -4.54 13.27
CA ASP A 77 6.18 -3.31 13.89
C ASP A 77 6.52 -3.66 15.35
N TRP A 78 7.74 -4.20 15.56
CA TRP A 78 8.15 -4.66 16.86
C TRP A 78 8.20 -3.46 17.79
N ARG A 79 7.42 -3.51 18.86
CA ARG A 79 7.44 -2.49 19.89
C ARG A 79 8.13 -3.01 21.11
N ILE A 80 8.23 -4.33 21.21
CA ILE A 80 8.89 -5.01 22.30
C ILE A 80 9.72 -6.08 21.62
N SER A 81 10.96 -6.23 22.02
CA SER A 81 11.81 -7.19 21.33
C SER A 81 12.99 -7.56 22.22
N SER A 82 12.73 -8.00 23.42
CA SER A 82 13.81 -8.40 24.29
C SER A 82 14.13 -9.87 24.03
N THR A 83 15.13 -10.40 24.73
CA THR A 83 15.35 -11.83 24.61
C THR A 83 14.21 -12.67 25.18
N GLU A 84 13.28 -12.09 25.98
CA GLU A 84 12.17 -12.86 26.58
C GLU A 84 10.84 -12.63 25.89
N LEU A 85 10.69 -11.58 25.10
CA LEU A 85 9.40 -11.30 24.52
C LEU A 85 9.57 -10.41 23.31
N VAL A 86 8.99 -10.83 22.20
CA VAL A 86 8.82 -10.04 20.99
C VAL A 86 7.34 -9.72 20.95
N ALA A 87 6.98 -8.48 20.66
CA ALA A 87 5.56 -8.17 20.52
C ALA A 87 5.34 -7.04 19.58
N TYR A 88 4.33 -7.21 18.75
CA TYR A 88 3.87 -6.18 17.84
C TYR A 88 2.38 -6.15 17.70
N PRO A 89 1.85 -4.99 17.31
CA PRO A 89 0.42 -4.90 17.01
C PRO A 89 -0.01 -5.74 15.79
N ILE A 90 -1.15 -6.42 15.91
CA ILE A 90 -1.53 -7.33 14.87
C ILE A 90 -1.71 -6.55 13.58
N LEU A 91 -1.37 -7.19 12.49
CA LEU A 91 -1.41 -6.51 11.21
C LEU A 91 -2.83 -6.53 10.69
N LYS A 92 -3.03 -5.84 9.58
CA LYS A 92 -4.35 -5.63 9.00
C LYS A 92 -5.06 -6.94 8.69
N ASP A 93 -4.46 -7.84 7.88
CA ASP A 93 -5.22 -8.98 7.37
C ASP A 93 -4.76 -10.32 7.91
N ASN A 94 -5.56 -11.30 7.70
CA ASN A 94 -5.21 -12.65 8.11
C ASN A 94 -4.41 -13.32 7.03
N PRO A 95 -3.65 -14.37 7.41
CA PRO A 95 -2.80 -15.07 6.43
C PRO A 95 -3.64 -15.73 5.35
N VAL A 96 -3.08 -15.84 4.14
CA VAL A 96 -3.82 -16.51 3.07
C VAL A 96 -4.32 -17.88 3.50
N LEU A 97 -3.50 -18.64 4.21
CA LEU A 97 -3.89 -19.93 4.74
C LEU A 97 -3.25 -20.11 6.10
N ASN A 98 -3.76 -21.12 6.79
CA ASN A 98 -3.24 -21.62 8.05
C ASN A 98 -2.96 -23.10 7.85
N LEU A 99 -2.09 -23.67 8.70
CA LEU A 99 -1.87 -25.12 8.75
C LEU A 99 -2.04 -25.61 10.18
N ASP A 100 -2.72 -26.74 10.34
CA ASP A 100 -2.87 -27.34 11.67
C ASP A 100 -1.59 -27.93 12.25
N TYR A 104 0.76 -29.93 8.46
CA TYR A 104 -0.59 -30.49 8.58
C TYR A 104 -1.59 -29.87 7.57
N GLU A 105 -2.87 -29.79 7.95
CA GLU A 105 -3.93 -29.58 6.97
C GLU A 105 -4.03 -28.13 6.55
N ILE A 106 -4.11 -27.88 5.25
CA ILE A 106 -4.25 -26.52 4.76
C ILE A 106 -5.66 -26.03 5.03
N ILE A 107 -5.79 -24.88 5.66
CA ILE A 107 -7.06 -24.18 5.79
C ILE A 107 -6.92 -22.86 5.03
N TRP A 108 -7.39 -22.84 3.78
CA TRP A 108 -7.35 -21.62 2.97
C TRP A 108 -8.28 -20.55 3.50
N ASN A 109 -7.82 -19.29 3.49
CA ASN A 109 -8.65 -18.18 3.95
C ASN A 109 -9.08 -17.29 2.80
N MET A 110 -8.39 -17.35 1.66
CA MET A 110 -8.79 -16.69 0.43
C MET A 110 -8.97 -17.74 -0.67
N ASP A 111 -9.71 -17.35 -1.72
CA ASP A 111 -9.90 -18.22 -2.86
C ASP A 111 -8.55 -18.53 -3.49
N LYS A 112 -8.18 -19.81 -3.50
CA LYS A 112 -6.92 -20.21 -4.12
C LYS A 112 -6.66 -19.48 -5.45
N ASP A 113 -7.67 -19.46 -6.35
CA ASP A 113 -7.51 -18.89 -7.69
C ASP A 113 -7.68 -17.39 -7.72
N SER A 114 -7.57 -16.74 -6.59
CA SER A 114 -7.72 -15.29 -6.54
C SER A 114 -6.72 -14.64 -7.49
N PRO A 115 -7.18 -13.91 -8.50
CA PRO A 115 -6.19 -13.31 -9.42
C PRO A 115 -5.42 -12.13 -8.81
N LYS A 116 -6.03 -11.38 -7.89
CA LYS A 116 -5.30 -10.26 -7.28
C LYS A 116 -4.05 -10.74 -6.52
N TYR A 117 -4.08 -12.00 -6.05
CA TYR A 117 -2.95 -12.54 -5.31
C TYR A 117 -1.73 -12.59 -6.19
N ILE A 118 -1.89 -13.01 -7.45
CA ILE A 118 -0.74 -13.12 -8.35
C ILE A 118 -0.12 -11.75 -8.60
N THR A 119 -0.92 -10.77 -8.99
CA THR A 119 -0.35 -9.45 -9.25
C THR A 119 0.22 -8.80 -7.96
N SER A 120 -0.48 -8.89 -6.85
CA SER A 120 0.01 -8.28 -5.62
C SER A 120 1.26 -8.99 -5.13
N LEU A 121 1.25 -10.34 -5.11
CA LEU A 121 2.44 -11.09 -4.72
C LEU A 121 3.61 -10.76 -5.63
N ALA A 122 3.39 -10.71 -6.96
CA ALA A 122 4.48 -10.33 -7.86
C ALA A 122 5.06 -8.95 -7.53
N LYS A 123 4.19 -7.97 -7.29
CA LYS A 123 4.69 -6.67 -6.83
C LYS A 123 5.56 -6.81 -5.57
N THR A 124 5.09 -7.55 -4.59
CA THR A 124 5.86 -7.65 -3.34
C THR A 124 7.21 -8.32 -3.56
N LEU A 125 7.23 -9.35 -4.41
CA LEU A 125 8.48 -10.04 -4.71
C LEU A 125 9.45 -9.10 -5.39
N PHE A 126 8.93 -8.29 -6.31
CA PHE A 126 9.75 -7.25 -6.94
C PHE A 126 10.36 -6.28 -5.90
N GLU A 127 9.53 -5.74 -5.01
CA GLU A 127 10.06 -4.82 -4.00
C GLU A 127 11.10 -5.49 -3.11
N ILE A 128 10.86 -6.72 -2.69
CA ILE A 128 11.79 -7.37 -1.78
C ILE A 128 13.11 -7.57 -2.49
N HIS A 129 13.03 -8.05 -3.71
CA HIS A 129 14.22 -8.39 -4.47
C HIS A 129 14.94 -7.18 -4.99
N SER A 130 14.37 -5.99 -4.84
CA SER A 130 15.12 -4.78 -5.17
C SER A 130 16.00 -4.24 -4.04
N ILE A 131 15.97 -4.81 -2.84
CA ILE A 131 16.68 -4.15 -1.73
C ILE A 131 18.19 -4.20 -1.99
N PRO A 132 18.94 -3.09 -1.78
CA PRO A 132 20.36 -3.08 -2.16
C PRO A 132 21.29 -3.92 -1.29
N GLU A 133 22.25 -4.58 -1.95
CA GLU A 133 23.19 -5.45 -1.26
C GLU A 133 24.02 -4.73 -0.21
N LYS A 134 24.37 -3.47 -0.44
CA LYS A 134 25.20 -2.79 0.54
C LYS A 134 24.46 -2.68 1.87
N GLU A 135 23.14 -2.40 1.83
CA GLU A 135 22.35 -2.38 3.07
C GLU A 135 22.32 -3.76 3.73
N VAL A 136 22.12 -4.80 2.95
CA VAL A 136 22.12 -6.15 3.52
C VAL A 136 23.42 -6.39 4.29
N ARG A 137 24.54 -6.06 3.66
CA ARG A 137 25.85 -6.34 4.29
C ARG A 137 26.07 -5.45 5.50
N GLU A 138 25.62 -4.19 5.41
CA GLU A 138 25.70 -3.28 6.53
C GLU A 138 25.02 -3.85 7.77
N ASN A 139 23.89 -4.52 7.57
CA ASN A 139 23.10 -5.09 8.65
C ASN A 139 23.61 -6.46 9.05
N ASP A 140 24.85 -6.79 8.66
CA ASP A 140 25.48 -8.06 9.05
C ASP A 140 24.58 -9.24 8.72
N LEU A 141 23.99 -9.19 7.55
CA LEU A 141 23.15 -10.29 7.11
C LEU A 141 23.98 -11.26 6.29
N LYS A 142 23.47 -12.48 6.20
CA LYS A 142 24.16 -13.51 5.43
C LYS A 142 24.09 -13.17 3.96
N ILE A 143 25.23 -13.26 3.28
CA ILE A 143 25.29 -13.01 1.84
C ILE A 143 25.92 -14.23 1.17
N MET A 144 25.06 -15.09 0.62
CA MET A 144 25.43 -16.04 -0.42
C MET A 144 25.54 -15.34 -1.77
N LYS A 145 26.55 -15.72 -2.54
CA LYS A 145 26.66 -15.31 -3.94
C LYS A 145 26.63 -16.55 -4.84
N PRO A 146 26.33 -16.39 -6.13
CA PRO A 146 26.02 -17.60 -6.94
C PRO A 146 27.16 -18.60 -6.96
N SER A 147 28.40 -18.10 -6.78
CA SER A 147 29.57 -18.96 -6.64
C SER A 147 29.50 -19.79 -5.36
N ASP A 148 28.96 -19.22 -4.28
CA ASP A 148 28.83 -19.99 -3.04
C ASP A 148 27.69 -21.00 -3.10
N LEU A 149 26.68 -20.76 -3.95
CA LEU A 149 25.43 -21.54 -3.93
C LEU A 149 25.67 -23.05 -4.08
N ARG A 150 26.24 -23.47 -5.23
CA ARG A 150 26.25 -24.91 -5.51
C ARG A 150 27.07 -25.71 -4.49
N PRO A 151 28.28 -25.33 -4.13
CA PRO A 151 29.04 -26.21 -3.21
C PRO A 151 28.44 -26.28 -1.82
N GLU A 152 27.77 -25.22 -1.36
CA GLU A 152 27.09 -25.29 -0.08
C GLU A 152 25.89 -26.22 -0.16
N ILE A 153 25.18 -26.24 -1.29
CA ILE A 153 24.08 -27.20 -1.37
C ILE A 153 24.64 -28.62 -1.48
N ALA A 154 25.85 -28.75 -2.03
CA ALA A 154 26.55 -30.01 -1.99
C ALA A 154 26.85 -30.44 -0.55
N ASN A 155 27.40 -29.52 0.24
CA ASN A 155 27.60 -29.79 1.67
C ASN A 155 26.31 -30.22 2.34
N ASN A 156 25.19 -29.62 1.96
CA ASN A 156 23.93 -29.99 2.59
C ASN A 156 23.54 -31.41 2.20
N LEU A 157 23.66 -31.74 0.93
CA LEU A 157 23.48 -33.13 0.54
C LEU A 157 24.34 -34.03 1.43
N GLN A 158 25.62 -33.69 1.54
CA GLN A 158 26.54 -34.53 2.32
C GLN A 158 26.02 -34.76 3.74
N LEU A 159 25.75 -33.67 4.46
CA LEU A 159 25.35 -33.72 5.85
C LEU A 159 23.96 -34.31 6.03
N VAL A 160 23.16 -34.42 4.98
CA VAL A 160 21.81 -34.97 5.13
C VAL A 160 21.79 -36.48 4.89
N LYS A 161 22.39 -36.88 3.77
CA LYS A 161 22.44 -38.31 3.39
C LYS A 161 22.88 -39.11 4.61
N SER A 162 24.11 -38.92 5.10
CA SER A 162 24.62 -39.75 6.22
C SER A 162 23.84 -39.56 7.52
N GLU A 163 23.53 -38.33 7.92
CA GLU A 163 22.88 -38.07 9.24
C GLU A 163 21.45 -38.62 9.32
N ILE A 164 20.62 -38.42 8.29
CA ILE A 164 19.17 -38.81 8.33
C ILE A 164 18.85 -39.83 7.24
N GLY A 165 19.72 -40.02 6.26
CA GLY A 165 19.44 -40.87 5.09
C GLY A 165 18.84 -40.02 3.98
N ILE A 166 18.92 -40.45 2.73
CA ILE A 166 18.26 -39.76 1.59
C ILE A 166 17.73 -40.82 0.63
N SER A 167 16.65 -40.57 -0.08
CA SER A 167 16.16 -41.50 -1.13
C SER A 167 17.22 -41.53 -2.22
N GLU A 168 17.45 -42.69 -2.83
CA GLU A 168 18.44 -42.79 -3.92
C GLU A 168 17.94 -41.89 -5.04
N GLN A 169 16.64 -41.90 -5.32
CA GLN A 169 16.04 -41.01 -6.35
C GLN A 169 16.23 -39.55 -5.93
N LEU A 170 16.06 -39.25 -4.64
CA LEU A 170 16.22 -37.86 -4.13
C LEU A 170 17.67 -37.42 -4.36
N GLU A 171 18.61 -38.32 -4.15
CA GLU A 171 20.06 -38.00 -4.29
C GLU A 171 20.37 -37.70 -5.74
N THR A 172 19.95 -38.54 -6.69
CA THR A 172 20.26 -38.37 -8.11
C THR A 172 19.71 -37.04 -8.61
N ARG A 173 18.46 -36.73 -8.27
CA ARG A 173 17.90 -35.45 -8.70
C ARG A 173 18.77 -34.31 -8.20
N TYR A 174 19.07 -34.29 -6.90
CA TYR A 174 19.83 -33.17 -6.31
C TYR A 174 21.21 -33.01 -6.96
N ARG A 175 21.85 -34.14 -7.31
CA ARG A 175 23.13 -34.10 -8.03
C ARG A 175 22.95 -33.57 -9.44
N LYS A 176 21.88 -34.00 -10.13
CA LYS A 176 21.55 -33.41 -11.44
C LYS A 176 21.34 -31.91 -11.32
N TRP A 177 20.57 -31.47 -10.32
CA TRP A 177 20.25 -30.05 -10.18
C TRP A 177 21.52 -29.24 -9.99
N LEU A 178 22.39 -29.71 -9.09
CA LEU A 178 23.68 -29.04 -8.97
C LEU A 178 24.47 -29.11 -10.27
N ASP A 179 24.15 -30.10 -11.14
CA ASP A 179 24.90 -30.32 -12.37
C ASP A 179 24.59 -29.27 -13.43
N ASN A 180 23.31 -28.91 -13.60
CA ASN A 180 22.90 -28.08 -14.72
C ASN A 180 23.29 -26.64 -14.48
N ASP A 181 24.42 -26.20 -15.04
CA ASP A 181 24.89 -24.81 -14.85
C ASP A 181 23.80 -23.85 -15.33
N VAL A 182 22.97 -24.27 -16.30
CA VAL A 182 21.91 -23.40 -16.89
C VAL A 182 20.89 -22.98 -15.83
N LEU A 183 20.51 -23.89 -14.94
CA LEU A 183 19.46 -23.62 -13.92
C LEU A 183 19.91 -22.50 -12.98
N TRP A 184 21.18 -22.48 -12.57
CA TRP A 184 21.68 -21.50 -11.57
C TRP A 184 21.76 -20.09 -12.17
N ALA A 185 21.27 -19.08 -11.47
CA ALA A 185 21.27 -17.66 -11.92
C ALA A 185 22.66 -17.02 -11.84
N ASP A 186 22.96 -16.08 -12.74
CA ASP A 186 24.21 -15.28 -12.70
C ASP A 186 24.18 -14.43 -11.43
N PHE A 187 23.01 -13.94 -11.02
CA PHE A 187 22.85 -12.97 -9.90
C PHE A 187 22.06 -13.53 -8.71
N THR A 188 22.46 -13.20 -7.48
CA THR A 188 21.72 -13.56 -6.23
C THR A 188 21.22 -12.24 -5.63
N GLN A 189 19.95 -12.15 -5.20
CA GLN A 189 19.33 -10.89 -4.71
C GLN A 189 18.74 -11.10 -3.33
N PHE A 190 18.54 -10.03 -2.54
CA PHE A 190 18.06 -10.18 -1.15
C PHE A 190 16.70 -10.87 -1.24
N ILE A 191 16.46 -11.88 -0.40
CA ILE A 191 15.22 -12.69 -0.48
C ILE A 191 14.60 -12.81 0.91
N HIS A 192 13.28 -12.92 0.98
CA HIS A 192 12.59 -13.15 2.24
C HIS A 192 13.12 -14.40 2.89
N GLY A 193 13.25 -15.48 2.09
CA GLY A 193 13.85 -16.73 2.54
C GLY A 193 12.93 -17.74 3.24
N ASP A 194 11.66 -17.42 3.48
CA ASP A 194 10.74 -18.34 4.19
C ASP A 194 9.34 -17.95 3.72
N LEU A 195 9.17 -17.76 2.42
CA LEU A 195 7.98 -17.12 1.88
C LEU A 195 6.99 -18.14 1.31
N TYR A 196 5.85 -18.22 1.92
CA TYR A 196 4.77 -18.99 1.34
C TYR A 196 3.49 -18.41 1.88
N ALA A 197 2.39 -18.92 1.35
CA ALA A 197 1.09 -18.32 1.65
C ALA A 197 0.83 -18.20 3.14
N GLY A 198 1.40 -19.08 3.96
CA GLY A 198 1.19 -19.04 5.40
C GLY A 198 1.82 -17.83 6.08
N HIS A 199 2.76 -17.19 5.42
CA HIS A 199 3.46 -16.03 5.91
C HIS A 199 3.11 -14.79 5.10
N VAL A 200 2.11 -14.86 4.22
CA VAL A 200 1.64 -13.75 3.41
C VAL A 200 0.25 -13.41 3.91
N LEU A 201 -0.02 -12.11 4.11
CA LEU A 201 -1.30 -11.61 4.60
C LEU A 201 -2.02 -10.89 3.47
N ALA A 202 -3.33 -11.15 3.38
CA ALA A 202 -4.16 -10.65 2.30
C ALA A 202 -5.64 -10.61 2.68
N SER A 203 -6.34 -9.74 1.94
CA SER A 203 -7.78 -9.68 2.05
C SER A 203 -8.37 -10.88 1.34
N LYS A 204 -9.69 -11.02 1.46
CA LYS A 204 -10.36 -12.19 0.87
C LYS A 204 -10.22 -12.19 -0.65
N ASP A 205 -10.30 -11.00 -1.28
CA ASP A 205 -10.12 -10.81 -2.74
C ASP A 205 -8.71 -11.12 -3.19
N GLY A 206 -7.79 -11.30 -2.25
CA GLY A 206 -6.45 -11.74 -2.56
C GLY A 206 -5.42 -10.65 -2.68
N ALA A 207 -5.76 -9.40 -2.32
CA ALA A 207 -4.80 -8.31 -2.39
C ALA A 207 -3.87 -8.47 -1.21
N VAL A 208 -2.57 -8.68 -1.46
CA VAL A 208 -1.56 -9.01 -0.40
C VAL A 208 -1.21 -7.80 0.47
N SER A 209 -1.87 -7.63 1.60
CA SER A 209 -1.61 -6.54 2.58
C SER A 209 -0.24 -6.58 3.27
N GLY A 210 0.30 -7.73 3.68
CA GLY A 210 1.53 -7.80 4.51
C GLY A 210 2.37 -9.06 4.38
N VAL A 211 3.64 -9.05 4.85
CA VAL A 211 4.50 -10.27 4.93
C VAL A 211 4.89 -10.41 6.41
N ILE A 212 4.77 -11.58 7.03
CA ILE A 212 4.94 -11.69 8.52
C ILE A 212 6.29 -12.18 9.08
N ASP A 213 6.93 -13.25 8.62
CA ASP A 213 8.14 -13.78 9.33
C ASP A 213 9.41 -13.49 8.53
N TRP A 214 10.26 -12.58 9.01
CA TRP A 214 11.46 -12.10 8.26
C TRP A 214 12.80 -12.61 8.80
N SER A 215 12.84 -13.54 9.76
CA SER A 215 14.11 -13.94 10.40
C SER A 215 15.06 -14.56 9.36
N THR A 216 14.54 -15.38 8.46
CA THR A 216 15.33 -16.10 7.42
C THR A 216 15.94 -15.18 6.36
N ALA A 217 15.41 -13.98 6.09
CA ALA A 217 15.81 -13.19 4.90
C ALA A 217 17.30 -12.86 4.84
N HIS A 218 17.93 -13.13 3.69
CA HIS A 218 19.38 -12.94 3.45
C HIS A 218 19.56 -12.87 1.94
N ILE A 219 20.66 -12.34 1.40
CA ILE A 219 20.85 -12.39 -0.07
C ILE A 219 21.06 -13.86 -0.45
N ASP A 220 20.36 -14.35 -1.46
CA ASP A 220 20.39 -15.78 -1.88
C ASP A 220 19.67 -15.91 -3.22
N ASP A 221 19.55 -17.12 -3.76
CA ASP A 221 18.95 -17.33 -5.11
C ASP A 221 17.51 -16.81 -5.13
N PRO A 222 17.07 -16.12 -6.21
CA PRO A 222 15.72 -15.57 -6.36
C PRO A 222 14.64 -16.67 -6.35
N ALA A 223 14.92 -17.84 -6.91
CA ALA A 223 13.94 -18.95 -7.08
C ALA A 223 13.40 -19.38 -5.71
N ILE A 224 14.19 -19.29 -4.65
CA ILE A 224 13.77 -19.78 -3.31
C ILE A 224 12.51 -19.03 -2.88
N ASP A 225 12.40 -17.73 -3.14
CA ASP A 225 11.16 -16.93 -2.87
C ASP A 225 10.01 -17.46 -3.73
N PHE A 226 10.25 -17.82 -4.99
CA PHE A 226 9.25 -18.44 -5.91
C PHE A 226 8.79 -19.84 -5.47
N ALA A 227 9.64 -20.70 -4.91
CA ALA A 227 9.33 -22.13 -4.68
C ALA A 227 8.15 -22.38 -3.73
N GLY A 228 8.02 -21.63 -2.63
CA GLY A 228 6.89 -21.78 -1.71
C GLY A 228 5.57 -21.64 -2.45
N HIS A 229 5.53 -20.80 -3.48
CA HIS A 229 4.32 -20.56 -4.23
C HIS A 229 3.95 -21.75 -5.11
N VAL A 230 4.94 -22.32 -5.83
CA VAL A 230 4.56 -23.36 -6.79
C VAL A 230 4.12 -24.59 -6.01
N THR A 231 4.66 -24.79 -4.81
CA THR A 231 4.23 -25.93 -4.01
C THR A 231 2.72 -25.85 -3.73
N LEU A 232 2.15 -24.64 -3.58
CA LEU A 232 0.77 -24.56 -3.10
C LEU A 232 -0.24 -24.16 -4.16
N PHE A 233 0.20 -23.51 -5.22
CA PHE A 233 -0.72 -23.05 -6.22
C PHE A 233 -0.51 -23.74 -7.56
N GLY A 234 0.54 -24.54 -7.73
CA GLY A 234 0.79 -25.28 -8.94
C GLY A 234 1.54 -24.49 -10.01
N GLU A 235 1.88 -25.22 -11.07
CA GLU A 235 2.91 -24.76 -11.99
C GLU A 235 2.36 -23.70 -12.91
N GLU A 236 1.09 -23.82 -13.27
CA GLU A 236 0.48 -22.78 -14.09
C GLU A 236 0.45 -21.47 -13.33
N SER A 237 -0.01 -21.51 -12.07
CA SER A 237 0.08 -20.34 -11.23
C SER A 237 1.50 -19.79 -11.24
N LEU A 238 2.47 -20.65 -10.99
CA LEU A 238 3.85 -20.17 -10.93
C LEU A 238 4.20 -19.41 -12.20
N LYS A 239 3.85 -19.98 -13.35
CA LYS A 239 4.17 -19.32 -14.61
C LYS A 239 3.51 -17.93 -14.69
N THR A 240 2.23 -17.84 -14.30
CA THR A 240 1.59 -16.52 -14.29
C THR A 240 2.35 -15.57 -13.38
N LEU A 241 2.87 -16.09 -12.26
CA LEU A 241 3.56 -15.21 -11.31
C LEU A 241 4.87 -14.74 -11.90
N ILE A 242 5.59 -15.67 -12.53
CA ILE A 242 6.84 -15.30 -13.21
C ILE A 242 6.57 -14.19 -14.23
N ILE A 243 5.53 -14.39 -15.06
CA ILE A 243 5.20 -13.38 -16.08
C ILE A 243 4.95 -12.03 -15.43
N GLU A 244 3.96 -11.97 -14.56
CA GLU A 244 3.68 -10.68 -13.91
C GLU A 244 4.93 -10.08 -13.28
N TYR A 245 5.73 -10.90 -12.61
CA TYR A 245 6.95 -10.43 -11.97
C TYR A 245 7.88 -9.79 -12.98
N GLU A 246 8.09 -10.46 -14.10
CA GLU A 246 8.93 -9.85 -15.14
C GLU A 246 8.31 -8.58 -15.69
N LYS A 247 7.00 -8.58 -15.89
CA LYS A 247 6.34 -7.41 -16.45
C LYS A 247 6.63 -6.19 -15.60
N LEU A 248 6.65 -6.36 -14.26
CA LEU A 248 6.93 -5.23 -13.38
C LEU A 248 8.36 -4.73 -13.55
N GLY A 249 9.22 -5.56 -14.09
CA GLY A 249 10.62 -5.24 -14.18
C GLY A 249 11.50 -6.10 -13.33
N GLY A 250 11.03 -7.28 -12.93
CA GLY A 250 11.83 -8.13 -12.05
C GLY A 250 12.87 -8.94 -12.80
N LYS A 251 14.06 -8.95 -12.24
CA LYS A 251 15.20 -9.65 -12.81
C LYS A 251 14.91 -11.14 -12.88
N VAL A 252 14.62 -11.66 -14.07
CA VAL A 252 14.51 -13.09 -14.28
C VAL A 252 15.69 -13.55 -15.14
N TRP A 253 15.81 -14.87 -15.27
CA TRP A 253 16.66 -15.47 -16.27
C TRP A 253 15.88 -16.61 -16.93
N ASN A 254 16.48 -17.11 -18.01
CA ASN A 254 15.80 -18.05 -18.90
C ASN A 254 15.31 -19.30 -18.18
N LYS A 255 15.87 -19.66 -17.03
CA LYS A 255 15.52 -20.90 -16.37
C LYS A 255 14.96 -20.67 -14.97
N LEU A 256 14.52 -19.45 -14.67
CA LEU A 256 13.93 -19.15 -13.37
C LEU A 256 12.87 -20.18 -12.99
N TYR A 257 11.96 -20.49 -13.93
CA TYR A 257 10.89 -21.44 -13.68
C TYR A 257 11.42 -22.80 -13.27
N GLU A 258 12.34 -23.35 -14.06
CA GLU A 258 12.82 -24.70 -13.78
C GLU A 258 13.69 -24.73 -12.52
N GLN A 259 14.48 -23.66 -12.30
CA GLN A 259 15.26 -23.58 -11.07
C GLN A 259 14.35 -23.55 -9.86
N THR A 260 13.23 -22.83 -9.97
CA THR A 260 12.23 -22.82 -8.90
C THR A 260 11.71 -24.22 -8.66
N LEU A 261 11.37 -24.92 -9.76
CA LEU A 261 10.87 -26.29 -9.61
C LEU A 261 11.86 -27.15 -8.83
N GLU A 262 13.16 -26.98 -9.11
CA GLU A 262 14.21 -27.76 -8.43
C GLU A 262 14.34 -27.33 -6.94
N ARG A 263 14.34 -26.03 -6.68
CA ARG A 263 14.30 -25.58 -5.28
C ARG A 263 13.16 -26.25 -4.55
N ALA A 264 11.97 -26.20 -5.12
CA ALA A 264 10.82 -26.84 -4.48
C ALA A 264 11.11 -28.30 -4.25
N ALA A 265 11.59 -29.01 -5.29
CA ALA A 265 11.83 -30.43 -5.14
C ALA A 265 12.81 -30.70 -4.03
N ALA A 266 13.71 -29.75 -3.80
CA ALA A 266 14.71 -29.83 -2.75
C ALA A 266 14.17 -29.44 -1.37
N SER A 267 12.84 -29.40 -1.20
CA SER A 267 12.29 -29.05 0.10
C SER A 267 12.73 -30.03 1.17
N PRO A 268 12.60 -31.35 0.99
CA PRO A 268 13.02 -32.30 2.07
C PRO A 268 14.49 -32.18 2.46
N LEU A 269 15.35 -31.77 1.55
CA LEU A 269 16.77 -31.62 1.86
C LEU A 269 17.01 -30.44 2.78
N MET A 270 16.55 -29.25 2.41
CA MET A 270 16.73 -28.13 3.33
C MET A 270 15.90 -28.33 4.60
N TYR A 271 14.81 -29.09 4.53
CA TYR A 271 14.10 -29.54 5.71
C TYR A 271 15.05 -30.24 6.68
N GLY A 272 15.69 -31.31 6.22
CA GLY A 272 16.63 -32.01 7.06
C GLY A 272 17.68 -31.09 7.64
N LEU A 273 18.33 -30.31 6.78
CA LEU A 273 19.47 -29.59 7.31
C LEU A 273 19.03 -28.57 8.38
N PHE A 274 17.87 -27.93 8.19
CA PHE A 274 17.43 -27.03 9.24
C PHE A 274 17.02 -27.79 10.50
N ALA A 275 16.52 -29.02 10.36
CA ALA A 275 16.18 -29.87 11.50
C ALA A 275 17.36 -30.16 12.43
N LEU A 276 18.59 -29.75 12.05
CA LEU A 276 19.77 -30.08 12.82
C LEU A 276 20.51 -28.82 13.24
N ASN A 280 17.86 -31.20 15.73
CA ASN A 280 17.13 -30.45 16.74
C ASN A 280 16.10 -31.38 17.33
N GLU A 281 14.97 -31.52 16.67
CA GLU A 281 13.84 -32.24 17.25
C GLU A 281 13.68 -33.58 16.59
N SER A 282 13.37 -34.60 17.40
CA SER A 282 13.27 -35.95 16.85
C SER A 282 12.00 -36.12 16.01
N LEU A 283 10.92 -35.41 16.35
CA LEU A 283 9.71 -35.54 15.55
C LEU A 283 9.86 -34.87 14.19
N ILE A 284 10.57 -33.75 14.14
CA ILE A 284 10.92 -33.12 12.87
C ILE A 284 11.90 -34.01 12.08
N VAL A 285 12.82 -34.66 12.78
CA VAL A 285 13.70 -35.59 12.09
C VAL A 285 12.90 -36.77 11.56
N GLY A 286 11.89 -37.21 12.31
CA GLY A 286 11.03 -38.28 11.81
C GLY A 286 10.28 -37.86 10.57
N ALA A 287 9.67 -36.66 10.63
CA ALA A 287 8.90 -36.15 9.50
C ALA A 287 9.78 -35.97 8.26
N LYS A 288 10.97 -35.39 8.42
CA LYS A 288 11.89 -35.35 7.29
C LYS A 288 12.13 -36.76 6.78
N ALA A 289 12.74 -37.61 7.62
CA ALA A 289 13.15 -38.95 7.23
C ALA A 289 12.06 -39.57 6.36
N GLN A 290 10.78 -39.40 6.74
CA GLN A 290 9.70 -39.88 5.89
C GLN A 290 9.69 -39.16 4.54
N LEU A 291 9.68 -37.83 4.55
CA LEU A 291 9.61 -37.06 3.33
C LEU A 291 10.86 -37.18 2.46
N GLY A 292 11.89 -37.89 2.95
CA GLY A 292 13.13 -38.04 2.22
C GLY A 292 13.36 -39.43 1.68
N VAL A 293 12.84 -40.48 2.34
CA VAL A 293 13.08 -41.86 1.90
C VAL A 293 11.88 -42.34 1.07
N MET B 1 7.65 35.35 -5.60
CA MET B 1 8.29 35.53 -4.25
C MET B 1 9.78 35.14 -4.35
N THR B 2 10.70 35.90 -3.75
CA THR B 2 12.09 35.48 -3.89
C THR B 2 12.40 34.21 -3.09
N ILE B 3 13.42 33.48 -3.55
CA ILE B 3 13.92 32.33 -2.82
C ILE B 3 14.37 32.71 -1.43
N GLN B 4 15.00 33.88 -1.28
CA GLN B 4 15.45 34.31 0.03
C GLN B 4 14.28 34.52 0.97
N ASP B 5 13.25 35.22 0.51
CA ASP B 5 12.06 35.43 1.34
C ASP B 5 11.44 34.11 1.80
N ILE B 6 11.27 33.14 0.88
CA ILE B 6 10.81 31.79 1.25
C ILE B 6 11.73 31.18 2.29
N GLN B 7 13.04 31.23 2.06
CA GLN B 7 13.97 30.64 3.03
C GLN B 7 13.79 31.31 4.38
N SER B 8 13.54 32.64 4.36
CA SER B 8 13.30 33.31 5.64
C SER B 8 11.97 32.84 6.31
N LEU B 9 10.90 32.69 5.51
CA LEU B 9 9.60 32.28 6.04
C LEU B 9 9.71 30.88 6.61
N ALA B 10 10.37 29.97 5.90
CA ALA B 10 10.55 28.63 6.42
C ALA B 10 11.37 28.63 7.69
N GLU B 11 12.45 29.42 7.75
CA GLU B 11 13.29 29.50 8.95
C GLU B 11 12.50 30.03 10.14
N ALA B 12 11.62 30.98 9.89
CA ALA B 12 10.77 31.41 10.98
C ALA B 12 9.86 30.28 11.51
N HIS B 13 9.70 29.18 10.80
CA HIS B 13 8.94 28.01 11.26
C HIS B 13 9.87 26.82 11.53
N GLY B 14 11.14 27.08 11.84
CA GLY B 14 12.05 26.03 12.22
C GLY B 14 12.53 25.11 11.12
N LEU B 15 12.24 25.46 9.86
CA LEU B 15 12.58 24.63 8.70
C LEU B 15 13.70 25.32 7.92
N LEU B 16 14.84 24.64 7.77
CA LEU B 16 16.06 25.27 7.22
C LEU B 16 16.20 24.80 5.79
N LEU B 17 15.99 25.70 4.85
CA LEU B 17 15.86 25.29 3.46
C LEU B 17 17.08 25.73 2.67
N THR B 18 17.53 24.88 1.74
CA THR B 18 18.47 25.30 0.71
C THR B 18 17.80 26.29 -0.22
N ASP B 19 18.60 26.86 -1.13
CA ASP B 19 18.10 27.75 -2.15
C ASP B 19 17.67 27.00 -3.37
N LYS B 20 17.58 25.67 -3.33
CA LYS B 20 17.12 24.90 -4.50
C LYS B 20 15.61 24.76 -4.43
N MET B 21 14.90 25.42 -5.33
CA MET B 21 13.45 25.48 -5.29
C MET B 21 12.79 25.58 -6.66
N ASN B 22 11.67 24.90 -6.84
CA ASN B 22 10.78 25.07 -7.97
C ASN B 22 9.41 25.51 -7.49
N PHE B 23 8.60 26.00 -8.43
CA PHE B 23 7.35 26.66 -8.09
C PHE B 23 6.20 26.10 -8.92
N ASN B 24 4.98 26.30 -8.38
CA ASN B 24 3.71 25.98 -9.03
C ASN B 24 2.73 27.05 -8.57
N GLU B 25 2.20 27.82 -9.54
CA GLU B 25 1.41 29.00 -9.24
C GLU B 25 -0.02 28.85 -9.71
N MET B 26 -0.43 27.64 -10.03
CA MET B 26 -1.78 27.42 -10.54
C MET B 26 -2.84 27.75 -9.49
N GLY B 27 -2.64 27.33 -8.23
CA GLY B 27 -3.67 27.50 -7.22
C GLY B 27 -3.84 28.95 -6.85
N ILE B 28 -5.09 29.36 -6.70
CA ILE B 28 -5.29 30.79 -6.47
C ILE B 28 -5.08 31.12 -4.99
N ASP B 29 -5.35 30.15 -4.11
CA ASP B 29 -5.34 30.44 -2.66
C ASP B 29 -3.95 30.31 -2.07
N PHE B 30 -3.10 29.50 -2.67
CA PHE B 30 -1.75 29.30 -2.15
C PHE B 30 -0.75 29.20 -3.27
N LYS B 31 0.45 29.74 -3.03
CA LYS B 31 1.59 29.47 -3.90
C LYS B 31 2.29 28.18 -3.45
N VAL B 32 2.64 27.33 -4.40
CA VAL B 32 3.27 26.05 -4.08
C VAL B 32 4.75 26.10 -4.40
N VAL B 33 5.57 25.52 -3.51
CA VAL B 33 7.03 25.50 -3.69
C VAL B 33 7.53 24.09 -3.43
N PHE B 34 8.28 23.55 -4.37
CA PHE B 34 9.03 22.34 -4.17
C PHE B 34 10.38 22.79 -3.67
N ALA B 35 10.70 22.47 -2.41
CA ALA B 35 11.89 22.91 -1.72
C ALA B 35 12.69 21.71 -1.26
N LEU B 36 13.91 21.96 -0.79
CA LEU B 36 14.89 20.96 -0.39
C LEU B 36 15.53 21.44 0.92
N ASP B 37 15.49 20.57 1.93
CA ASP B 37 16.03 20.67 3.28
C ASP B 37 17.55 20.70 3.27
N THR B 38 18.12 21.26 4.32
CA THR B 38 19.54 21.20 4.53
C THR B 38 19.94 19.81 4.97
N LYS B 39 18.98 18.95 5.23
CA LYS B 39 19.27 17.55 5.48
C LYS B 39 19.07 16.71 4.22
N GLY B 40 18.72 17.34 3.11
CA GLY B 40 18.50 16.57 1.89
C GLY B 40 17.11 16.01 1.67
N GLN B 41 16.12 16.41 2.48
CA GLN B 41 14.75 15.97 2.36
C GLN B 41 14.02 17.02 1.55
N GLN B 42 13.27 16.58 0.54
CA GLN B 42 12.35 17.43 -0.22
C GLN B 42 11.07 17.75 0.53
N TRP B 43 10.58 18.95 0.33
CA TRP B 43 9.43 19.49 1.03
C TRP B 43 8.51 20.14 0.01
N LEU B 44 7.21 20.16 0.33
CA LEU B 44 6.16 20.89 -0.39
C LEU B 44 5.69 21.96 0.54
N LEU B 45 5.79 23.20 0.08
CA LEU B 45 5.32 24.35 0.84
C LEU B 45 4.07 24.90 0.15
N ARG B 46 3.08 25.23 0.95
CA ARG B 46 1.90 25.96 0.50
C ARG B 46 1.86 27.26 1.30
N ILE B 47 1.99 28.36 0.61
CA ILE B 47 2.10 29.68 1.24
C ILE B 47 0.85 30.47 0.92
N PRO B 48 0.05 30.87 1.92
CA PRO B 48 -1.26 31.51 1.61
C PRO B 48 -1.04 32.85 0.91
N ARG B 49 -1.72 33.05 -0.21
CA ARG B 49 -1.59 34.33 -0.92
C ARG B 49 -2.03 35.50 -0.05
N ARG B 50 -2.98 35.29 0.87
CA ARG B 50 -3.57 36.38 1.66
C ARG B 50 -3.61 36.02 3.14
N ASP B 51 -3.72 37.07 3.97
CA ASP B 51 -4.03 36.83 5.38
C ASP B 51 -5.50 36.45 5.52
N GLY B 52 -5.88 36.00 6.72
CA GLY B 52 -7.24 35.59 6.98
C GLY B 52 -7.61 34.16 6.61
N MET B 53 -6.64 33.31 6.22
CA MET B 53 -6.91 31.93 5.82
C MET B 53 -6.79 30.94 6.97
N ARG B 54 -6.70 31.42 8.19
CA ARG B 54 -6.46 30.49 9.28
C ARG B 54 -7.49 29.35 9.33
N GLU B 55 -8.75 29.68 9.18
CA GLU B 55 -9.79 28.66 9.37
C GLU B 55 -9.75 27.60 8.26
N GLN B 56 -9.57 28.05 7.03
CA GLN B 56 -9.33 27.14 5.91
C GLN B 56 -8.20 26.13 6.22
N ILE B 57 -7.07 26.66 6.73
CA ILE B 57 -5.91 25.82 6.98
C ILE B 57 -6.22 24.84 8.09
N LYS B 58 -6.87 25.32 9.15
CA LYS B 58 -7.18 24.43 10.26
C LYS B 58 -8.11 23.32 9.81
N LYS B 59 -9.00 23.65 8.87
CA LYS B 59 -9.98 22.68 8.39
C LYS B 59 -9.28 21.60 7.60
N GLU B 60 -8.46 21.99 6.62
CA GLU B 60 -7.73 20.98 5.88
C GLU B 60 -6.87 20.13 6.82
N LYS B 61 -6.32 20.74 7.90
CA LYS B 61 -5.50 19.96 8.82
C LYS B 61 -6.33 18.89 9.48
N ARG B 62 -7.54 19.27 9.93
CA ARG B 62 -8.50 18.29 10.43
C ARG B 62 -8.79 17.23 9.35
N ILE B 63 -9.14 17.66 8.14
CA ILE B 63 -9.53 16.66 7.11
C ILE B 63 -8.44 15.62 7.00
N LEU B 64 -7.16 16.09 6.99
CA LEU B 64 -6.03 15.20 6.77
C LEU B 64 -5.85 14.28 7.97
N GLU B 65 -5.97 14.84 9.18
CA GLU B 65 -5.89 13.99 10.36
C GLU B 65 -7.00 12.94 10.36
N LEU B 66 -8.19 13.28 9.87
CA LEU B 66 -9.29 12.30 9.79
C LEU B 66 -9.00 11.24 8.73
N VAL B 67 -8.70 11.68 7.50
CA VAL B 67 -8.56 10.70 6.42
C VAL B 67 -7.40 9.78 6.73
N LYS B 68 -6.35 10.29 7.40
CA LYS B 68 -5.13 9.49 7.58
C LYS B 68 -5.42 8.20 8.33
N LYS B 69 -6.42 8.26 9.23
CA LYS B 69 -6.79 7.07 9.98
C LYS B 69 -7.54 6.05 9.13
N HIS B 70 -8.28 6.48 8.11
CA HIS B 70 -9.17 5.60 7.36
C HIS B 70 -8.63 5.22 5.99
N LEU B 71 -7.42 5.66 5.65
CA LEU B 71 -6.89 5.47 4.30
C LEU B 71 -5.57 4.68 4.34
N SER B 72 -5.44 3.75 3.42
CA SER B 72 -4.27 2.90 3.34
C SER B 72 -3.19 3.52 2.47
N VAL B 73 -3.56 4.58 1.76
CA VAL B 73 -2.62 5.31 0.85
C VAL B 73 -2.12 6.57 1.56
N GLU B 74 -0.99 7.10 1.11
CA GLU B 74 -0.37 8.33 1.69
C GLU B 74 -1.21 9.57 1.46
N VAL B 75 -1.25 10.49 2.42
CA VAL B 75 -1.90 11.81 2.28
C VAL B 75 -0.87 12.79 2.82
N PRO B 76 -0.85 14.07 2.44
CA PRO B 76 0.22 14.94 2.89
C PRO B 76 0.23 15.02 4.42
N ASP B 77 1.41 14.99 5.03
CA ASP B 77 1.54 15.13 6.51
C ASP B 77 2.05 16.54 6.74
N TRP B 78 1.27 17.38 7.42
CA TRP B 78 1.64 18.81 7.56
C TRP B 78 2.49 18.97 8.81
N ARG B 79 3.81 18.92 8.65
CA ARG B 79 4.76 19.15 9.77
C ARG B 79 4.57 20.62 10.19
N ILE B 80 4.39 21.52 9.22
CA ILE B 80 4.11 22.96 9.50
C ILE B 80 2.67 23.21 9.05
N SER B 81 1.82 23.71 9.93
CA SER B 81 0.43 24.07 9.58
C SER B 81 0.08 25.40 10.28
N SER B 82 0.61 26.52 9.79
CA SER B 82 0.44 27.83 10.45
C SER B 82 -0.20 28.81 9.46
N THR B 83 -0.84 29.85 9.97
CA THR B 83 -1.48 30.88 9.14
C THR B 83 -0.47 31.46 8.14
N GLU B 84 0.85 31.30 8.33
CA GLU B 84 1.79 31.81 7.35
C GLU B 84 2.42 30.73 6.53
N LEU B 85 2.35 29.48 6.96
CA LEU B 85 3.01 28.46 6.14
C LEU B 85 2.50 27.08 6.44
N VAL B 86 2.31 26.34 5.38
CA VAL B 86 2.03 24.92 5.47
C VAL B 86 3.18 24.20 4.79
N ALA B 87 3.63 23.08 5.35
CA ALA B 87 4.71 22.37 4.72
C ALA B 87 4.63 20.91 5.07
N TYR B 88 4.96 20.10 4.10
CA TYR B 88 4.99 18.68 4.34
C TYR B 88 6.05 18.02 3.51
N PRO B 89 6.55 16.88 3.93
CA PRO B 89 7.53 16.15 3.10
C PRO B 89 6.88 15.68 1.82
N ILE B 90 7.61 15.80 0.69
CA ILE B 90 7.09 15.32 -0.59
C ILE B 90 6.71 13.88 -0.44
N LEU B 91 5.64 13.51 -1.10
CA LEU B 91 5.16 12.15 -0.99
C LEU B 91 5.88 11.24 -1.99
N LYS B 92 5.63 9.96 -1.81
CA LYS B 92 6.49 8.93 -2.36
C LYS B 92 6.53 8.97 -3.87
N ASP B 93 5.36 8.97 -4.49
CA ASP B 93 5.25 8.92 -5.94
C ASP B 93 4.70 10.23 -6.48
N ASN B 94 4.88 10.42 -7.77
CA ASN B 94 4.46 11.63 -8.45
C ASN B 94 3.04 11.48 -8.94
N PRO B 95 2.39 12.61 -9.27
CA PRO B 95 1.00 12.55 -9.73
C PRO B 95 0.84 11.71 -10.98
N VAL B 96 -0.41 11.27 -11.22
CA VAL B 96 -0.70 10.46 -12.40
C VAL B 96 -0.51 11.28 -13.65
N LEU B 97 -0.92 12.54 -13.60
CA LEU B 97 -0.64 13.53 -14.65
C LEU B 97 -0.28 14.84 -13.98
N ASN B 98 0.25 15.73 -14.78
CA ASN B 98 0.52 17.09 -14.36
C ASN B 98 -0.23 17.99 -15.32
N LEU B 99 -0.80 19.04 -14.79
CA LEU B 99 -1.39 20.08 -15.62
C LEU B 99 -0.34 21.15 -15.84
N ASP B 100 -0.25 21.65 -17.06
CA ASP B 100 0.67 22.74 -17.38
C ASP B 100 -0.07 24.07 -17.18
N ALA B 101 0.44 24.91 -16.27
CA ALA B 101 -0.23 26.17 -16.00
C ALA B 101 -0.19 27.09 -17.20
N GLU B 102 0.85 26.98 -18.02
CA GLU B 102 0.95 27.74 -19.27
C GLU B 102 -0.29 27.44 -20.09
N THR B 103 -0.39 26.19 -20.55
CA THR B 103 -1.40 25.79 -21.52
C THR B 103 -2.66 25.22 -20.88
N TYR B 104 -2.58 24.74 -19.64
CA TYR B 104 -3.62 23.89 -19.04
C TYR B 104 -3.76 22.58 -19.80
N GLU B 105 -2.63 22.03 -20.24
CA GLU B 105 -2.60 20.86 -21.11
C GLU B 105 -2.09 19.63 -20.36
N ILE B 106 -2.82 18.53 -20.48
CA ILE B 106 -2.50 17.31 -19.75
C ILE B 106 -1.11 16.80 -20.12
N ILE B 107 -0.40 16.27 -19.12
CA ILE B 107 0.92 15.68 -19.31
C ILE B 107 0.97 14.41 -18.46
N TRP B 108 0.62 13.27 -19.05
CA TRP B 108 0.54 12.03 -18.28
C TRP B 108 1.94 11.56 -17.89
N ASN B 109 2.11 11.21 -16.63
CA ASN B 109 3.29 10.54 -16.12
C ASN B 109 3.02 9.06 -15.92
N MET B 110 1.86 8.59 -16.36
CA MET B 110 1.46 7.18 -16.30
C MET B 110 0.70 6.91 -17.60
N ASP B 111 0.81 5.67 -18.10
CA ASP B 111 0.06 5.32 -19.31
C ASP B 111 -1.43 5.34 -19.00
N LYS B 112 -2.17 6.14 -19.77
CA LYS B 112 -3.57 6.41 -19.46
C LYS B 112 -4.30 5.18 -18.93
N ASP B 113 -4.14 4.04 -19.57
CA ASP B 113 -4.90 2.86 -19.20
C ASP B 113 -3.98 1.89 -18.48
N SER B 114 -4.20 1.73 -17.18
CA SER B 114 -3.54 0.73 -16.37
C SER B 114 -4.60 -0.08 -15.64
N PRO B 115 -4.54 -1.41 -15.63
CA PRO B 115 -5.48 -2.14 -14.77
C PRO B 115 -5.25 -1.79 -13.30
N LYS B 116 -3.96 -1.65 -12.93
CA LYS B 116 -3.59 -1.46 -11.54
C LYS B 116 -4.14 -0.16 -11.02
N TYR B 117 -4.13 0.90 -11.84
CA TYR B 117 -4.68 2.19 -11.42
C TYR B 117 -6.15 2.08 -11.06
N ILE B 118 -6.93 1.41 -11.90
CA ILE B 118 -8.35 1.25 -11.60
C ILE B 118 -8.51 0.51 -10.29
N THR B 119 -7.90 -0.66 -10.16
CA THR B 119 -8.12 -1.43 -8.95
C THR B 119 -7.71 -0.61 -7.72
N SER B 120 -6.54 0.04 -7.76
CA SER B 120 -6.07 0.79 -6.58
C SER B 120 -6.98 2.00 -6.32
N LEU B 121 -7.35 2.73 -7.38
CA LEU B 121 -8.21 3.89 -7.22
C LEU B 121 -9.53 3.49 -6.58
N ALA B 122 -10.12 2.38 -7.07
CA ALA B 122 -11.35 1.88 -6.48
C ALA B 122 -11.17 1.62 -5.01
N LYS B 123 -10.07 0.95 -4.64
CA LYS B 123 -9.85 0.72 -3.21
C LYS B 123 -9.80 2.04 -2.42
N THR B 124 -9.06 3.05 -2.93
CA THR B 124 -8.95 4.33 -2.21
C THR B 124 -10.30 5.04 -2.11
N LEU B 125 -11.03 5.12 -3.22
CA LEU B 125 -12.40 5.64 -3.23
C LEU B 125 -13.27 4.96 -2.20
N PHE B 126 -13.21 3.65 -2.15
CA PHE B 126 -14.06 2.94 -1.20
C PHE B 126 -13.66 3.29 0.21
N GLU B 127 -12.35 3.47 0.44
CA GLU B 127 -11.91 3.85 1.77
C GLU B 127 -12.42 5.26 2.11
N ILE B 128 -12.37 6.17 1.13
CA ILE B 128 -12.76 7.55 1.38
C ILE B 128 -14.25 7.62 1.78
N HIS B 129 -15.10 7.02 0.92
CA HIS B 129 -16.55 6.97 1.13
C HIS B 129 -16.96 6.15 2.34
N SER B 130 -16.10 5.26 2.81
CA SER B 130 -16.33 4.58 4.08
C SER B 130 -16.30 5.50 5.30
N ILE B 131 -15.67 6.67 5.24
CA ILE B 131 -15.45 7.42 6.48
C ILE B 131 -16.80 7.83 7.06
N PRO B 132 -17.08 7.49 8.32
CA PRO B 132 -18.43 7.68 8.86
C PRO B 132 -18.82 9.16 9.05
N GLU B 133 -20.12 9.42 8.86
CA GLU B 133 -20.65 10.78 8.98
C GLU B 133 -20.47 11.34 10.39
N LYS B 134 -20.46 10.48 11.41
CA LYS B 134 -20.26 10.95 12.77
C LYS B 134 -18.91 11.63 12.91
N GLU B 135 -17.87 11.04 12.32
CA GLU B 135 -16.53 11.62 12.34
C GLU B 135 -16.49 12.93 11.57
N VAL B 136 -17.02 12.95 10.35
CA VAL B 136 -17.13 14.23 9.63
C VAL B 136 -17.73 15.33 10.53
N ARG B 137 -18.89 15.04 11.15
CA ARG B 137 -19.58 16.05 11.93
C ARG B 137 -18.78 16.45 13.17
N GLU B 138 -18.11 15.47 13.82
CA GLU B 138 -17.25 15.80 14.96
C GLU B 138 -16.19 16.81 14.56
N ASN B 139 -15.71 16.74 13.31
CA ASN B 139 -14.94 17.79 12.70
C ASN B 139 -15.92 18.79 12.11
N ASP B 140 -15.47 19.96 11.79
CA ASP B 140 -16.50 20.93 11.42
C ASP B 140 -16.80 20.89 9.96
N LEU B 141 -16.82 19.70 9.39
CA LEU B 141 -16.82 19.57 7.94
C LEU B 141 -18.24 19.59 7.41
N LYS B 142 -18.38 20.18 6.24
CA LYS B 142 -19.70 20.40 5.66
C LYS B 142 -20.35 19.06 5.29
N ILE B 143 -21.59 18.87 5.72
CA ILE B 143 -22.35 17.66 5.43
C ILE B 143 -23.54 18.08 4.56
N MET B 144 -23.60 17.54 3.37
CA MET B 144 -24.73 17.80 2.49
C MET B 144 -25.68 16.59 2.54
N LYS B 145 -26.98 16.90 2.65
CA LYS B 145 -28.08 15.94 2.75
C LYS B 145 -28.58 15.62 1.35
N PRO B 146 -28.94 14.38 1.06
CA PRO B 146 -29.43 14.06 -0.31
C PRO B 146 -30.52 15.01 -0.83
N SER B 147 -31.36 15.51 0.06
CA SER B 147 -32.36 16.50 -0.34
C SER B 147 -31.75 17.85 -0.63
N ASP B 148 -30.62 18.17 0.02
CA ASP B 148 -30.03 19.50 -0.13
C ASP B 148 -29.44 19.69 -1.51
N LEU B 149 -28.96 18.61 -2.15
CA LEU B 149 -28.09 18.79 -3.30
C LEU B 149 -28.82 19.45 -4.47
N ARG B 150 -29.97 18.90 -4.84
CA ARG B 150 -30.71 19.43 -5.99
C ARG B 150 -31.11 20.91 -5.84
N PRO B 151 -31.61 21.38 -4.70
CA PRO B 151 -31.89 22.83 -4.60
C PRO B 151 -30.63 23.66 -4.76
N GLU B 152 -29.51 23.22 -4.18
CA GLU B 152 -28.27 23.95 -4.28
C GLU B 152 -27.84 24.10 -5.73
N ILE B 153 -27.79 22.99 -6.48
CA ILE B 153 -27.37 23.07 -7.88
C ILE B 153 -28.34 23.94 -8.69
N ALA B 154 -29.64 23.85 -8.41
CA ALA B 154 -30.56 24.77 -9.09
C ALA B 154 -30.16 26.23 -8.83
N ASN B 155 -29.96 26.60 -7.55
CA ASN B 155 -29.61 27.98 -7.21
C ASN B 155 -28.30 28.39 -7.89
N ASN B 156 -27.38 27.43 -8.00
CA ASN B 156 -26.14 27.68 -8.73
C ASN B 156 -26.43 28.04 -10.17
N LEU B 157 -27.31 27.27 -10.83
CA LEU B 157 -27.66 27.56 -12.22
C LEU B 157 -28.21 28.97 -12.35
N GLN B 158 -29.02 29.41 -11.37
CA GLN B 158 -29.54 30.78 -11.44
C GLN B 158 -28.41 31.80 -11.37
N LEU B 159 -27.45 31.59 -10.47
CA LEU B 159 -26.35 32.55 -10.34
C LEU B 159 -25.45 32.59 -11.59
N VAL B 160 -25.13 31.42 -12.16
CA VAL B 160 -24.24 31.36 -13.31
C VAL B 160 -24.91 31.95 -14.56
N LYS B 161 -26.21 31.70 -14.73
CA LYS B 161 -26.97 32.37 -15.79
C LYS B 161 -26.94 33.88 -15.58
N SER B 162 -27.24 34.34 -14.36
CA SER B 162 -27.18 35.76 -14.06
C SER B 162 -25.85 36.35 -14.50
N GLU B 163 -24.73 35.69 -14.14
CA GLU B 163 -23.40 36.21 -14.49
C GLU B 163 -22.75 35.41 -15.61
N SER B 167 -25.95 29.81 -21.96
CA SER B 167 -25.75 28.44 -22.44
C SER B 167 -27.06 27.65 -22.37
N GLU B 168 -27.98 27.85 -23.32
CA GLU B 168 -29.25 27.15 -23.22
C GLU B 168 -29.12 25.66 -23.49
N GLN B 169 -28.22 25.22 -24.40
CA GLN B 169 -28.02 23.78 -24.60
C GLN B 169 -27.61 23.11 -23.30
N LEU B 170 -26.54 23.62 -22.69
CA LEU B 170 -26.13 23.10 -21.39
C LEU B 170 -27.25 23.29 -20.35
N GLU B 171 -27.96 24.42 -20.42
CA GLU B 171 -29.01 24.71 -19.44
C GLU B 171 -30.12 23.68 -19.49
N THR B 172 -30.57 23.32 -20.70
CA THR B 172 -31.61 22.31 -20.86
C THR B 172 -31.15 20.94 -20.36
N ARG B 173 -29.89 20.58 -20.65
CA ARG B 173 -29.35 19.36 -20.05
C ARG B 173 -29.37 19.42 -18.53
N TYR B 174 -28.96 20.57 -17.97
CA TYR B 174 -28.97 20.78 -16.53
C TYR B 174 -30.38 20.63 -15.97
N ARG B 175 -31.35 21.31 -16.59
CA ARG B 175 -32.72 21.25 -16.11
C ARG B 175 -33.23 19.82 -16.16
N LYS B 176 -32.90 19.07 -17.23
CA LYS B 176 -33.32 17.68 -17.30
C LYS B 176 -32.70 16.86 -16.17
N TRP B 177 -31.42 17.12 -15.87
CA TRP B 177 -30.74 16.44 -14.77
C TRP B 177 -31.41 16.73 -13.43
N LEU B 178 -31.68 18.00 -13.15
CA LEU B 178 -32.47 18.34 -11.96
C LEU B 178 -33.83 17.64 -12.00
N ASP B 179 -34.40 17.50 -13.20
CA ASP B 179 -35.76 16.98 -13.36
C ASP B 179 -35.83 15.49 -13.04
N ASN B 180 -34.86 14.72 -13.51
CA ASN B 180 -34.96 13.27 -13.39
C ASN B 180 -34.50 12.82 -12.03
N ASP B 181 -35.45 12.35 -11.21
CA ASP B 181 -35.11 11.92 -9.86
C ASP B 181 -34.25 10.66 -9.84
N VAL B 182 -34.45 9.75 -10.81
CA VAL B 182 -33.79 8.44 -10.70
C VAL B 182 -32.27 8.58 -10.74
N LEU B 183 -31.76 9.65 -11.38
CA LEU B 183 -30.31 9.89 -11.40
C LEU B 183 -29.78 10.22 -10.01
N TRP B 184 -30.46 11.14 -9.31
CA TRP B 184 -29.99 11.63 -8.02
C TRP B 184 -30.01 10.53 -6.97
N ALA B 185 -28.88 10.29 -6.36
CA ALA B 185 -28.79 9.27 -5.34
C ALA B 185 -29.69 9.63 -4.16
N ASP B 186 -30.06 8.62 -3.39
CA ASP B 186 -30.77 8.84 -2.14
C ASP B 186 -29.84 8.97 -0.95
N PHE B 187 -28.53 8.88 -1.19
CA PHE B 187 -27.52 8.85 -0.13
C PHE B 187 -26.40 9.80 -0.50
N THR B 188 -25.71 10.29 0.55
CA THR B 188 -24.48 11.07 0.44
C THR B 188 -23.40 10.41 1.28
N GLN B 189 -22.13 10.64 0.91
CA GLN B 189 -20.99 9.98 1.55
C GLN B 189 -19.86 11.00 1.65
N PHE B 190 -18.89 10.67 2.51
CA PHE B 190 -17.67 11.48 2.59
C PHE B 190 -16.88 11.38 1.30
N ILE B 191 -16.69 12.50 0.65
CA ILE B 191 -15.94 12.51 -0.60
C ILE B 191 -14.78 13.51 -0.57
N HIS B 192 -13.78 13.21 -1.39
CA HIS B 192 -12.62 14.07 -1.57
C HIS B 192 -13.08 15.40 -2.11
N GLY B 193 -13.96 15.37 -3.13
CA GLY B 193 -14.56 16.57 -3.72
C GLY B 193 -13.71 17.36 -4.68
N ASP B 194 -12.43 17.05 -4.78
CA ASP B 194 -11.58 17.69 -5.78
C ASP B 194 -10.69 16.63 -6.40
N LEU B 195 -11.32 15.45 -6.64
CA LEU B 195 -10.63 14.23 -7.09
C LEU B 195 -10.61 14.07 -8.62
N TYR B 196 -9.41 13.99 -9.17
CA TYR B 196 -9.02 13.92 -10.57
C TYR B 196 -7.59 13.38 -10.52
N ALA B 197 -7.07 13.08 -11.69
CA ALA B 197 -5.82 12.32 -11.74
C ALA B 197 -4.62 13.17 -11.36
N GLY B 198 -4.71 14.48 -11.53
CA GLY B 198 -3.59 15.34 -11.12
C GLY B 198 -3.43 15.44 -9.61
N HIS B 199 -4.45 15.02 -8.86
CA HIS B 199 -4.43 15.02 -7.40
C HIS B 199 -4.30 13.59 -6.93
N VAL B 200 -3.93 12.65 -7.82
CA VAL B 200 -3.74 11.25 -7.47
C VAL B 200 -2.29 10.93 -7.76
N LEU B 201 -1.59 10.30 -6.81
CA LEU B 201 -0.18 9.96 -6.99
C LEU B 201 -0.03 8.45 -7.15
N ALA B 202 0.63 8.02 -8.21
CA ALA B 202 0.73 6.59 -8.46
C ALA B 202 2.13 6.16 -8.88
N SER B 203 2.48 4.94 -8.49
CA SER B 203 3.66 4.24 -8.95
C SER B 203 3.50 3.90 -10.44
N LYS B 204 4.64 3.74 -11.12
CA LYS B 204 4.63 3.50 -12.57
C LYS B 204 3.72 2.34 -12.98
N ASP B 205 3.71 1.27 -12.19
CA ASP B 205 2.78 0.15 -12.32
C ASP B 205 1.35 0.57 -12.08
N GLY B 206 1.11 1.84 -11.78
CA GLY B 206 -0.24 2.33 -11.61
C GLY B 206 -0.82 2.22 -10.22
N ALA B 207 -0.14 1.53 -9.28
CA ALA B 207 -0.65 1.34 -7.92
C ALA B 207 -0.65 2.68 -7.18
N VAL B 208 -1.85 3.16 -6.84
CA VAL B 208 -2.01 4.50 -6.28
C VAL B 208 -1.39 4.50 -4.88
N SER B 209 -0.43 5.39 -4.67
CA SER B 209 0.26 5.50 -3.39
C SER B 209 -0.25 6.66 -2.58
N GLY B 210 -0.80 7.67 -3.23
CA GLY B 210 -1.22 8.83 -2.46
C GLY B 210 -2.24 9.70 -3.14
N VAL B 211 -2.91 10.53 -2.35
CA VAL B 211 -3.89 11.50 -2.82
C VAL B 211 -3.59 12.81 -2.11
N ILE B 212 -3.64 13.92 -2.83
CA ILE B 212 -3.34 15.25 -2.29
C ILE B 212 -4.53 16.20 -2.52
N ASP B 213 -4.39 17.43 -1.99
CA ASP B 213 -5.30 18.54 -2.20
C ASP B 213 -6.68 18.20 -1.66
N TRP B 214 -6.73 18.12 -0.35
CA TRP B 214 -7.86 17.61 0.39
C TRP B 214 -8.72 18.71 0.98
N SER B 215 -8.47 19.99 0.63
CA SER B 215 -9.26 20.99 1.33
C SER B 215 -10.75 21.02 0.96
N THR B 216 -11.21 20.30 -0.05
CA THR B 216 -12.61 20.38 -0.49
C THR B 216 -13.43 19.25 0.08
N ALA B 217 -12.82 18.39 0.89
CA ALA B 217 -13.46 17.14 1.26
C ALA B 217 -14.63 17.42 2.22
N HIS B 218 -15.77 16.76 1.95
CA HIS B 218 -17.01 16.96 2.72
C HIS B 218 -18.00 15.83 2.39
N ILE B 219 -19.16 15.82 3.03
CA ILE B 219 -20.16 14.77 2.76
C ILE B 219 -21.07 15.29 1.66
N ASP B 220 -21.22 14.52 0.59
CA ASP B 220 -21.94 14.95 -0.61
C ASP B 220 -22.22 13.72 -1.52
N ASP B 221 -22.58 14.00 -2.73
CA ASP B 221 -22.92 12.96 -3.74
C ASP B 221 -21.67 12.22 -4.23
N PRO B 222 -21.56 10.87 -4.01
CA PRO B 222 -20.33 10.17 -4.41
C PRO B 222 -19.97 10.40 -5.87
N ALA B 223 -20.95 10.79 -6.68
CA ALA B 223 -20.67 10.96 -8.09
C ALA B 223 -19.59 11.99 -8.36
N ILE B 224 -19.40 12.92 -7.44
CA ILE B 224 -18.41 13.96 -7.67
C ILE B 224 -17.02 13.37 -7.72
N ASP B 225 -16.77 12.33 -6.91
CA ASP B 225 -15.48 11.63 -6.87
C ASP B 225 -15.21 10.76 -8.12
N PHE B 226 -16.27 10.35 -8.84
CA PHE B 226 -16.16 9.59 -10.08
C PHE B 226 -16.10 10.48 -11.30
N ALA B 227 -16.47 11.76 -11.16
CA ALA B 227 -16.56 12.60 -12.35
C ALA B 227 -15.19 12.92 -12.97
N GLY B 228 -14.22 13.31 -12.14
CA GLY B 228 -12.92 13.65 -12.72
C GLY B 228 -12.33 12.46 -13.46
N HIS B 229 -12.57 11.25 -12.94
CA HIS B 229 -12.06 10.05 -13.57
C HIS B 229 -12.70 9.85 -14.93
N VAL B 230 -13.99 10.17 -15.05
CA VAL B 230 -14.65 10.00 -16.36
C VAL B 230 -14.07 10.97 -17.40
N THR B 231 -13.88 12.25 -17.04
CA THR B 231 -13.35 13.13 -18.08
C THR B 231 -11.94 12.69 -18.51
N LEU B 232 -11.13 12.22 -17.55
CA LEU B 232 -9.76 11.86 -17.91
C LEU B 232 -9.65 10.48 -18.54
N PHE B 233 -10.47 9.53 -18.12
CA PHE B 233 -10.42 8.15 -18.61
C PHE B 233 -11.73 7.82 -19.33
N GLY B 234 -11.76 6.70 -20.03
CA GLY B 234 -12.93 6.36 -20.80
C GLY B 234 -14.13 6.09 -19.91
N GLU B 235 -15.29 6.00 -20.56
CA GLU B 235 -16.53 5.68 -19.86
C GLU B 235 -16.61 4.19 -19.56
N GLU B 236 -15.95 3.37 -20.39
CA GLU B 236 -15.81 1.95 -20.04
C GLU B 236 -14.82 1.80 -18.87
N SER B 237 -13.76 2.59 -18.87
CA SER B 237 -12.91 2.61 -17.69
C SER B 237 -13.76 2.97 -16.47
N LEU B 238 -14.65 3.94 -16.63
CA LEU B 238 -15.52 4.32 -15.52
C LEU B 238 -16.34 3.14 -15.02
N LYS B 239 -16.92 2.35 -15.94
CA LYS B 239 -17.72 1.21 -15.52
C LYS B 239 -16.87 0.17 -14.80
N THR B 240 -15.64 -0.04 -15.28
CA THR B 240 -14.76 -0.98 -14.58
C THR B 240 -14.50 -0.49 -13.16
N LEU B 241 -14.28 0.81 -13.02
CA LEU B 241 -14.09 1.42 -11.71
C LEU B 241 -15.27 1.08 -10.82
N ILE B 242 -16.48 1.37 -11.30
CA ILE B 242 -17.65 1.08 -10.48
C ILE B 242 -17.68 -0.39 -10.07
N ILE B 243 -17.35 -1.31 -10.99
CA ILE B 243 -17.42 -2.74 -10.66
C ILE B 243 -16.41 -3.10 -9.56
N GLU B 244 -15.17 -2.62 -9.69
CA GLU B 244 -14.18 -2.81 -8.65
C GLU B 244 -14.61 -2.15 -7.33
N TYR B 245 -15.33 -1.02 -7.41
CA TYR B 245 -15.85 -0.34 -6.24
C TYR B 245 -16.95 -1.18 -5.56
N GLU B 246 -17.79 -1.84 -6.35
CA GLU B 246 -18.83 -2.72 -5.83
C GLU B 246 -18.24 -3.96 -5.18
N LYS B 247 -17.30 -4.62 -5.87
CA LYS B 247 -16.60 -5.76 -5.29
C LYS B 247 -16.06 -5.47 -3.90
N LEU B 248 -15.58 -4.25 -3.67
CA LEU B 248 -15.07 -3.89 -2.36
C LEU B 248 -16.18 -3.80 -1.35
N GLY B 249 -17.43 -3.74 -1.80
CA GLY B 249 -18.51 -3.46 -0.88
C GLY B 249 -18.88 -2.01 -0.81
N GLY B 250 -18.36 -1.19 -1.73
CA GLY B 250 -18.74 0.21 -1.74
C GLY B 250 -20.15 0.39 -2.28
N LYS B 251 -20.91 1.26 -1.61
CA LYS B 251 -22.31 1.54 -1.95
C LYS B 251 -22.46 2.16 -3.33
N VAL B 252 -23.32 1.54 -4.15
CA VAL B 252 -23.53 1.94 -5.54
C VAL B 252 -25.03 1.98 -5.85
N TRP B 253 -25.42 2.82 -6.83
CA TRP B 253 -26.82 2.90 -7.26
C TRP B 253 -26.88 2.89 -8.79
N ASN B 254 -27.98 2.33 -9.34
CA ASN B 254 -28.01 1.94 -10.76
C ASN B 254 -27.80 3.11 -11.69
N LYS B 255 -28.14 4.31 -11.25
CA LYS B 255 -27.95 5.49 -12.05
C LYS B 255 -26.60 6.15 -11.76
N LEU B 256 -25.79 5.55 -10.88
CA LEU B 256 -24.52 6.21 -10.50
C LEU B 256 -23.67 6.51 -11.74
N TYR B 257 -23.65 5.62 -12.71
CA TYR B 257 -22.89 5.91 -13.93
C TYR B 257 -23.45 7.14 -14.63
N GLU B 258 -24.76 7.14 -14.86
CA GLU B 258 -25.38 8.28 -15.54
C GLU B 258 -25.20 9.56 -14.75
N GLN B 259 -25.42 9.50 -13.44
CA GLN B 259 -25.20 10.67 -12.59
C GLN B 259 -23.78 11.20 -12.76
N THR B 260 -22.77 10.30 -12.76
CA THR B 260 -21.38 10.74 -12.90
C THR B 260 -21.17 11.47 -14.20
N LEU B 261 -21.78 10.98 -15.28
CA LEU B 261 -21.68 11.71 -16.55
C LEU B 261 -22.35 13.08 -16.45
N GLU B 262 -23.46 13.15 -15.72
CA GLU B 262 -24.11 14.44 -15.48
C GLU B 262 -23.17 15.39 -14.74
N ARG B 263 -22.46 14.85 -13.76
CA ARG B 263 -21.55 15.69 -12.94
C ARG B 263 -20.49 16.33 -13.84
N ALA B 264 -19.98 15.56 -14.81
CA ALA B 264 -18.93 16.10 -15.72
C ALA B 264 -19.51 17.25 -16.53
N ALA B 265 -20.76 17.11 -16.99
CA ALA B 265 -21.43 18.20 -17.76
C ALA B 265 -21.55 19.41 -16.84
N ALA B 266 -21.86 19.19 -15.57
CA ALA B 266 -22.00 20.26 -14.56
C ALA B 266 -20.67 20.99 -14.31
N SER B 267 -19.52 20.34 -14.57
CA SER B 267 -18.22 20.92 -14.16
C SER B 267 -17.95 22.29 -14.80
N PRO B 268 -18.26 22.56 -16.08
CA PRO B 268 -18.07 23.91 -16.61
C PRO B 268 -18.95 24.87 -15.81
N LEU B 269 -20.17 24.46 -15.47
CA LEU B 269 -21.03 25.29 -14.60
C LEU B 269 -20.34 25.43 -13.24
N MET B 270 -19.76 24.34 -12.74
CA MET B 270 -19.04 24.36 -11.44
C MET B 270 -17.86 25.33 -11.54
N TYR B 271 -17.18 25.32 -12.68
CA TYR B 271 -16.03 26.24 -12.89
C TYR B 271 -16.56 27.68 -12.83
N GLY B 272 -17.72 27.92 -13.43
CA GLY B 272 -18.30 29.27 -13.45
C GLY B 272 -18.62 29.76 -12.05
N LEU B 273 -19.17 28.87 -11.21
CA LEU B 273 -19.48 29.25 -9.81
C LEU B 273 -18.16 29.58 -9.11
N PHE B 274 -17.15 28.72 -9.28
CA PHE B 274 -15.88 28.96 -8.61
C PHE B 274 -15.26 30.24 -9.10
N ALA B 275 -15.29 30.46 -10.42
CA ALA B 275 -14.74 31.66 -11.04
C ALA B 275 -15.42 32.91 -10.48
N LEU B 276 -16.75 32.88 -10.34
CA LEU B 276 -17.45 33.99 -9.70
C LEU B 276 -16.96 34.17 -8.27
N GLU B 277 -16.90 33.08 -7.50
CA GLU B 277 -16.30 33.18 -6.17
C GLU B 277 -14.87 33.69 -6.29
N THR B 278 -14.16 33.29 -7.32
CA THR B 278 -12.78 33.69 -7.49
C THR B 278 -12.68 35.16 -7.85
N GLN B 279 -11.68 35.82 -7.28
CA GLN B 279 -11.41 37.20 -7.67
C GLN B 279 -11.15 37.29 -9.16
N ASN B 280 -10.22 36.47 -9.66
CA ASN B 280 -9.59 36.67 -10.95
C ASN B 280 -10.62 36.70 -12.08
N GLU B 281 -10.37 37.60 -13.03
CA GLU B 281 -11.24 37.71 -14.19
C GLU B 281 -11.03 36.55 -15.14
N SER B 282 -9.78 36.14 -15.36
CA SER B 282 -9.47 35.15 -16.38
C SER B 282 -10.13 33.81 -16.10
N LEU B 283 -10.37 33.48 -14.82
CA LEU B 283 -11.14 32.27 -14.51
C LEU B 283 -12.60 32.44 -14.93
N ILE B 284 -13.17 33.62 -14.72
CA ILE B 284 -14.52 33.90 -15.19
C ILE B 284 -14.57 33.83 -16.72
N VAL B 285 -13.56 34.39 -17.38
CA VAL B 285 -13.43 34.30 -18.83
C VAL B 285 -13.43 32.85 -19.27
N GLY B 286 -12.56 32.04 -18.66
CA GLY B 286 -12.46 30.64 -19.02
C GLY B 286 -13.75 29.87 -18.78
N ALA B 287 -14.46 30.20 -17.69
CA ALA B 287 -15.73 29.54 -17.40
C ALA B 287 -16.76 29.84 -18.46
N LYS B 288 -16.80 31.09 -18.94
CA LYS B 288 -17.72 31.42 -20.03
C LYS B 288 -17.33 30.69 -21.30
N ALA B 289 -16.03 30.65 -21.63
CA ALA B 289 -15.58 29.85 -22.77
C ALA B 289 -16.18 28.44 -22.70
N GLN B 290 -16.25 27.86 -21.50
CA GLN B 290 -16.83 26.52 -21.31
C GLN B 290 -18.33 26.47 -21.65
#